data_1QDL
#
_entry.id   1QDL
#
_cell.length_a   162.000
_cell.length_b   162.000
_cell.length_c   212.350
_cell.angle_alpha   90.00
_cell.angle_beta   90.00
_cell.angle_gamma   120.00
#
_symmetry.space_group_name_H-M   'P 63 2 2'
#
loop_
_entity.id
_entity.type
_entity.pdbx_description
1 polymer 'PROTEIN (ANTHRANILATE SYNTHASE (TRPE-SUBUNIT))'
2 polymer 'PROTEIN (ANTHRANILATE SYNTHASE (TRPG-SUBUNIT))'
3 water water
#
loop_
_entity_poly.entity_id
_entity_poly.type
_entity_poly.pdbx_seq_one_letter_code
_entity_poly.pdbx_strand_id
1 'polypeptide(L)'
;AMEVHPISEFASPFEVFKCIERDFKVAGLLESIGGPQYKARYSVIAWSTNGYLKIHDDPVNILNGYLKDLKLADIPGLFK
GGMIGYISYDAVRFWEKIRDLKPAAEDWPYAEFFTPDNIIIYDHNEGKVYVNADLSSVGGCGDIGEFKVSFYDESLNKNS
YERIVSESLEYIRSGYIFQVVLSRFYRYIFSGDPLRIYYNLRRINPSPYMFYLKFDEKYLIGSSPELLFRVQDNIVETYP
IAGTRPRGADQEEDLKLELELMNSEKDKAEHLMLVDLARNDLGKVCVPGTVKVPELMYVEKYSHVQHIVSKVIGTLKKKY
NALNVLSATFPAGTVSGAPKPMAMNIIETLEEYKRGPYAGAVGFISADGNAEFAIAIRTAFLNKELLRIHAGAGIVYDSN
PESEYFETEHKLKALKTAIGVR
;
A
2 'polypeptide(L)'
;MDLTLIIDNYDSFVYNIAQIVGELGSYPIVIRNDEISIKGIERIDPDRLIISPGPGTPEKREDIGVSLDVIKYLGKRTPI
LGVCLGHQAIGYAFGAKIRRARKVFHGKISNIILVNNSPLSLYYGIAKEFKATRYHSLVVDEVHRPLIVDAISAEDNEIM
AIHHEEYPIYGVQFHPESVGTSLGYKILYNFLNRV
;
B
#
# COMPACT_ATOMS: atom_id res chain seq x y z
N ALA A 1 38.52 10.14 -1.07
CA ALA A 1 38.36 9.98 -2.54
C ALA A 1 38.06 8.52 -2.93
N MET A 2 37.64 8.33 -4.18
CA MET A 2 37.25 7.02 -4.70
C MET A 2 38.29 6.02 -5.23
N GLU A 3 38.02 4.74 -4.97
CA GLU A 3 38.88 3.63 -5.41
C GLU A 3 37.99 2.41 -5.63
N VAL A 4 38.05 1.83 -6.81
CA VAL A 4 37.29 0.61 -7.14
C VAL A 4 38.25 -0.53 -6.85
N HIS A 5 37.77 -1.58 -6.19
CA HIS A 5 38.62 -2.73 -5.86
C HIS A 5 37.99 -4.02 -6.40
N PRO A 6 38.75 -5.13 -6.39
CA PRO A 6 38.16 -6.37 -6.88
C PRO A 6 37.48 -6.98 -5.66
N ILE A 7 36.25 -7.42 -5.86
CA ILE A 7 35.49 -7.99 -4.76
C ILE A 7 36.29 -9.12 -4.13
N SER A 8 37.13 -9.75 -4.96
CA SER A 8 37.97 -10.88 -4.58
C SER A 8 39.09 -10.52 -3.64
N GLU A 9 39.55 -9.28 -3.69
CA GLU A 9 40.63 -8.87 -2.84
C GLU A 9 40.12 -8.04 -1.70
N PHE A 10 38.81 -7.97 -1.57
CA PHE A 10 38.27 -7.20 -0.49
C PHE A 10 37.76 -8.13 0.58
N ALA A 11 37.01 -7.56 1.50
CA ALA A 11 36.40 -8.35 2.54
C ALA A 11 35.05 -8.63 1.90
N SER A 12 34.03 -8.75 2.74
CA SER A 12 32.69 -8.98 2.24
C SER A 12 31.87 -7.94 3.00
N PRO A 13 30.64 -7.67 2.54
CA PRO A 13 29.76 -6.69 3.17
C PRO A 13 29.71 -6.75 4.71
N PHE A 14 29.14 -7.82 5.23
CA PHE A 14 29.02 -8.02 6.67
C PHE A 14 30.35 -7.80 7.39
N GLU A 15 31.42 -8.33 6.81
CA GLU A 15 32.76 -8.23 7.38
C GLU A 15 33.27 -6.81 7.59
N VAL A 16 33.09 -5.99 6.56
CA VAL A 16 33.54 -4.61 6.61
C VAL A 16 32.58 -3.82 7.47
N PHE A 17 31.34 -4.27 7.52
CA PHE A 17 30.32 -3.60 8.30
C PHE A 17 30.47 -3.80 9.80
N LYS A 18 30.93 -4.97 10.23
CA LYS A 18 31.11 -5.26 11.66
C LYS A 18 31.86 -4.11 12.31
N CYS A 19 32.97 -3.78 11.67
CA CYS A 19 33.85 -2.73 12.10
C CYS A 19 33.16 -1.37 12.11
N ILE A 20 32.51 -1.02 10.99
CA ILE A 20 31.84 0.27 10.88
C ILE A 20 30.71 0.41 11.90
N GLU A 21 29.84 -0.59 11.96
CA GLU A 21 28.70 -0.58 12.86
C GLU A 21 29.12 -0.38 14.31
N ARG A 22 30.23 -1.00 14.68
CA ARG A 22 30.72 -0.91 16.04
C ARG A 22 31.46 0.40 16.31
N ASP A 23 31.95 1.01 15.25
CA ASP A 23 32.71 2.26 15.38
C ASP A 23 31.88 3.54 15.40
N PHE A 24 30.74 3.55 14.70
CA PHE A 24 29.91 4.75 14.62
C PHE A 24 28.50 4.66 15.19
N LYS A 25 27.99 5.80 15.65
CA LYS A 25 26.65 5.84 16.22
C LYS A 25 25.59 5.71 15.12
N VAL A 26 25.95 6.16 13.91
CA VAL A 26 25.04 6.10 12.76
C VAL A 26 25.67 5.41 11.55
N ALA A 27 25.10 4.28 11.17
CA ALA A 27 25.59 3.51 10.03
C ALA A 27 24.48 2.57 9.57
N GLY A 28 24.64 2.04 8.36
CA GLY A 28 23.62 1.14 7.84
C GLY A 28 24.18 0.23 6.77
N LEU A 29 23.50 -0.89 6.57
CA LEU A 29 23.90 -1.84 5.56
C LEU A 29 22.66 -2.24 4.82
N LEU A 30 22.70 -2.12 3.50
CA LEU A 30 21.57 -2.50 2.67
C LEU A 30 22.11 -3.59 1.77
N GLU A 31 21.35 -4.66 1.62
CA GLU A 31 21.80 -5.78 0.81
C GLU A 31 20.71 -6.33 -0.05
N SER A 32 21.07 -6.67 -1.28
CA SER A 32 20.13 -7.23 -2.22
C SER A 32 20.60 -8.66 -2.36
N ILE A 33 19.65 -9.59 -2.35
CA ILE A 33 19.97 -11.01 -2.45
C ILE A 33 19.06 -11.70 -3.48
N GLY A 34 17.84 -11.70 -3.24
N ARG A 41 22.58 -8.60 -5.85
CA ARG A 41 22.95 -7.64 -6.92
C ARG A 41 23.86 -6.51 -6.42
N TYR A 42 23.47 -5.89 -5.31
CA TYR A 42 24.24 -4.79 -4.72
C TYR A 42 24.28 -4.85 -3.19
N SER A 43 25.30 -4.23 -2.63
CA SER A 43 25.46 -4.18 -1.19
C SER A 43 25.96 -2.79 -0.86
N VAL A 44 25.27 -2.11 0.06
CA VAL A 44 25.67 -0.77 0.42
C VAL A 44 26.02 -0.63 1.89
N ILE A 45 27.20 -0.09 2.14
CA ILE A 45 27.66 0.16 3.50
C ILE A 45 27.86 1.66 3.51
N ALA A 46 27.20 2.33 4.44
CA ALA A 46 27.31 3.76 4.53
C ALA A 46 27.15 4.21 5.97
N TRP A 47 27.87 5.26 6.33
CA TRP A 47 27.78 5.78 7.67
C TRP A 47 28.14 7.24 7.64
N SER A 48 27.61 7.99 8.58
CA SER A 48 27.93 9.39 8.63
C SER A 48 28.81 9.68 9.84
N THR A 49 29.62 10.72 9.72
CA THR A 49 30.53 11.15 10.78
C THR A 49 29.94 12.38 11.48
N ASN A 50 28.80 12.85 10.97
CA ASN A 50 28.12 14.04 11.50
C ASN A 50 26.74 13.79 12.10
N GLY A 51 26.46 12.58 12.56
CA GLY A 51 25.15 12.33 13.14
C GLY A 51 24.03 12.19 12.10
N TYR A 52 22.79 12.21 12.57
CA TYR A 52 21.65 12.06 11.68
C TYR A 52 20.57 13.14 11.76
N LEU A 53 19.41 12.81 11.20
CA LEU A 53 18.26 13.69 11.16
C LEU A 53 17.12 13.00 11.89
N LYS A 54 16.64 13.64 12.96
CA LYS A 54 15.52 13.10 13.74
C LYS A 54 14.31 13.93 13.34
N ILE A 55 13.44 13.37 12.50
CA ILE A 55 12.28 14.12 12.05
C ILE A 55 11.04 14.01 12.93
N HIS A 56 10.63 15.15 13.48
CA HIS A 56 9.47 15.20 14.35
C HIS A 56 8.31 15.89 13.66
N ASP A 57 8.55 16.36 12.43
CA ASP A 57 7.50 17.02 11.66
C ASP A 57 7.15 16.24 10.41
N ASP A 58 6.36 16.83 9.51
CA ASP A 58 6.01 16.11 8.30
C ASP A 58 7.31 15.77 7.60
N PRO A 59 7.57 14.46 7.42
CA PRO A 59 8.81 14.03 6.76
C PRO A 59 8.95 14.60 5.35
N VAL A 60 7.83 14.72 4.64
CA VAL A 60 7.86 15.24 3.28
C VAL A 60 8.47 16.64 3.27
N ASN A 61 7.91 17.52 4.11
CA ASN A 61 8.40 18.89 4.20
C ASN A 61 9.86 18.89 4.60
N ILE A 62 10.14 18.35 5.78
CA ILE A 62 11.49 18.31 6.30
C ILE A 62 12.55 17.79 5.34
N LEU A 63 12.33 16.58 4.82
CA LEU A 63 13.29 15.98 3.91
C LEU A 63 13.45 16.79 2.65
N ASN A 64 12.35 17.36 2.21
CA ASN A 64 12.39 18.17 1.00
C ASN A 64 13.46 19.24 1.01
N GLY A 65 13.71 19.82 2.17
CA GLY A 65 14.71 20.87 2.24
C GLY A 65 16.16 20.40 2.28
N TYR A 66 16.37 19.11 2.05
CA TYR A 66 17.73 18.57 2.09
C TYR A 66 18.12 17.99 0.74
N LEU A 67 17.16 17.93 -0.16
CA LEU A 67 17.40 17.35 -1.46
C LEU A 67 18.31 18.12 -2.41
N LYS A 68 18.31 19.45 -2.30
CA LYS A 68 19.13 20.27 -3.19
C LYS A 68 20.64 20.15 -3.04
N ASP A 69 21.11 20.15 -1.80
CA ASP A 69 22.55 20.08 -1.56
C ASP A 69 23.15 18.68 -1.57
N LEU A 70 22.28 17.66 -1.70
CA LEU A 70 22.71 16.26 -1.71
C LEU A 70 23.78 16.01 -2.76
N LYS A 71 24.99 15.62 -2.32
CA LYS A 71 26.09 15.33 -3.23
C LYS A 71 25.86 13.98 -3.90
N LEU A 72 26.01 13.94 -5.22
CA LEU A 72 25.81 12.69 -5.96
C LEU A 72 27.12 11.91 -6.14
N ALA A 73 27.08 10.62 -5.84
CA ALA A 73 28.27 9.77 -5.95
C ALA A 73 28.32 9.03 -7.29
N ASP A 74 29.53 8.81 -7.78
CA ASP A 74 29.70 8.10 -9.05
C ASP A 74 29.85 6.62 -8.74
N ILE A 75 28.71 5.98 -8.47
CA ILE A 75 28.68 4.57 -8.13
C ILE A 75 27.53 3.90 -8.85
N PRO A 76 27.61 2.57 -9.01
CA PRO A 76 26.54 1.83 -9.68
C PRO A 76 25.39 1.61 -8.69
N GLY A 77 24.22 1.27 -9.20
CA GLY A 77 23.07 1.06 -8.32
C GLY A 77 22.17 2.28 -8.28
N LEU A 78 20.93 2.10 -7.82
CA LEU A 78 19.98 3.20 -7.74
C LEU A 78 20.40 4.30 -6.79
N PHE A 79 21.18 3.95 -5.77
CA PHE A 79 21.65 4.92 -4.82
C PHE A 79 23.04 5.43 -5.21
N LYS A 80 23.09 6.69 -5.61
CA LYS A 80 24.36 7.32 -5.99
C LYS A 80 24.51 8.44 -4.98
N GLY A 81 24.44 8.08 -3.71
CA GLY A 81 24.54 9.08 -2.66
C GLY A 81 23.15 9.60 -2.34
N GLY A 82 23.02 10.31 -1.24
CA GLY A 82 21.72 10.83 -0.86
C GLY A 82 21.45 10.56 0.61
N MET A 83 20.22 10.21 0.95
CA MET A 83 19.89 9.95 2.34
C MET A 83 19.18 8.64 2.55
N ILE A 84 19.60 7.95 3.61
CA ILE A 84 19.02 6.67 3.97
C ILE A 84 18.36 6.80 5.33
N GLY A 85 17.24 6.13 5.50
CA GLY A 85 16.58 6.21 6.77
C GLY A 85 15.28 5.45 6.73
N TYR A 86 14.44 5.69 7.72
CA TYR A 86 13.16 5.01 7.79
C TYR A 86 12.05 6.01 8.06
N ILE A 87 10.86 5.61 7.68
CA ILE A 87 9.66 6.41 7.89
C ILE A 87 8.78 5.59 8.83
N SER A 88 8.37 6.20 9.93
CA SER A 88 7.51 5.53 10.88
C SER A 88 6.12 5.42 10.28
N TYR A 89 5.40 4.37 10.62
CA TYR A 89 4.05 4.16 10.13
C TYR A 89 3.14 5.33 10.51
N ASP A 90 3.39 5.90 11.69
CA ASP A 90 2.60 7.02 12.20
C ASP A 90 2.85 8.34 11.47
N ALA A 91 3.81 8.34 10.54
CA ALA A 91 4.08 9.55 9.78
C ALA A 91 2.85 9.79 8.87
N VAL A 92 2.09 8.73 8.61
CA VAL A 92 0.90 8.82 7.78
C VAL A 92 -0.12 9.78 8.36
N ARG A 93 0.06 10.12 9.63
CA ARG A 93 -0.88 11.01 10.29
C ARG A 93 -0.81 12.43 9.69
N PHE A 94 0.30 12.76 9.04
CA PHE A 94 0.47 14.06 8.42
C PHE A 94 -0.23 14.08 7.08
N TRP A 95 -0.41 12.88 6.53
CA TRP A 95 -0.99 12.72 5.21
C TRP A 95 -2.39 12.18 5.16
N GLU A 96 -2.99 11.94 6.32
CA GLU A 96 -4.35 11.40 6.37
C GLU A 96 -4.92 11.64 7.77
N LYS A 97 -6.24 11.71 7.86
CA LYS A 97 -6.92 11.93 9.12
C LYS A 97 -7.03 10.60 9.87
N ILE A 98 -6.26 10.45 10.95
CA ILE A 98 -6.31 9.22 11.74
C ILE A 98 -6.48 9.50 13.23
N ARG A 99 -7.48 8.85 13.84
CA ARG A 99 -7.76 8.99 15.28
C ARG A 99 -6.49 8.82 16.08
N ASP A 100 -6.33 9.64 17.10
CA ASP A 100 -5.16 9.53 17.96
C ASP A 100 -5.64 9.07 19.34
N LEU A 101 -5.82 7.76 19.49
CA LEU A 101 -6.30 7.21 20.74
C LEU A 101 -5.26 6.46 21.53
N LYS A 102 -4.55 5.57 20.88
CA LYS A 102 -3.56 4.76 21.55
C LYS A 102 -2.16 5.35 21.71
N PRO A 103 -1.40 4.86 22.70
CA PRO A 103 -0.03 5.28 23.02
C PRO A 103 0.99 4.46 22.23
N ALA A 104 2.21 4.96 22.17
CA ALA A 104 3.26 4.27 21.45
C ALA A 104 3.85 3.15 22.31
N ALA A 105 4.48 2.18 21.65
CA ALA A 105 5.09 1.10 22.39
C ALA A 105 6.41 1.65 22.94
N GLU A 106 7.11 2.37 22.08
CA GLU A 106 8.39 2.99 22.43
C GLU A 106 8.41 4.33 21.71
N ASP A 107 9.35 5.20 22.08
CA ASP A 107 9.43 6.50 21.46
C ASP A 107 10.23 6.52 20.17
N TRP A 108 9.53 6.64 19.04
CA TRP A 108 10.18 6.66 17.73
C TRP A 108 9.83 7.92 16.93
N PRO A 109 10.85 8.68 16.48
CA PRO A 109 10.54 9.88 15.70
C PRO A 109 9.80 9.44 14.44
N TYR A 110 9.14 10.37 13.78
CA TYR A 110 8.39 10.06 12.58
C TYR A 110 9.26 9.52 11.45
N ALA A 111 10.55 9.80 11.54
CA ALA A 111 11.48 9.33 10.55
C ALA A 111 12.85 9.69 11.04
N GLU A 112 13.84 8.93 10.60
CA GLU A 112 15.22 9.20 10.95
C GLU A 112 15.98 8.88 9.69
N PHE A 113 16.78 9.85 9.24
CA PHE A 113 17.56 9.70 8.03
C PHE A 113 18.96 10.19 8.28
N PHE A 114 19.85 9.85 7.36
CA PHE A 114 21.20 10.34 7.48
C PHE A 114 21.82 10.37 6.10
N THR A 115 22.78 11.27 5.94
CA THR A 115 23.45 11.38 4.68
C THR A 115 24.88 10.92 4.92
N PRO A 116 25.25 9.81 4.27
CA PRO A 116 26.56 9.18 4.35
C PRO A 116 27.74 10.09 4.06
N ASP A 117 28.72 10.03 4.93
CA ASP A 117 29.94 10.79 4.80
C ASP A 117 30.86 9.86 4.03
N ASN A 118 30.65 8.55 4.22
CA ASN A 118 31.41 7.51 3.55
C ASN A 118 30.48 6.47 2.98
N ILE A 119 30.80 5.96 1.80
CA ILE A 119 29.99 4.94 1.15
C ILE A 119 30.86 3.87 0.54
N ILE A 120 30.38 2.63 0.59
CA ILE A 120 31.09 1.49 -0.02
C ILE A 120 30.03 0.70 -0.76
N ILE A 121 30.21 0.49 -2.06
CA ILE A 121 29.24 -0.23 -2.87
C ILE A 121 29.79 -1.51 -3.49
N TYR A 122 29.08 -2.62 -3.26
CA TYR A 122 29.49 -3.90 -3.80
C TYR A 122 28.70 -4.19 -5.04
N ASP A 123 29.38 -4.24 -6.17
CA ASP A 123 28.75 -4.56 -7.45
C ASP A 123 29.11 -6.03 -7.62
N HIS A 124 28.29 -6.89 -7.02
CA HIS A 124 28.52 -8.33 -7.07
C HIS A 124 28.54 -8.83 -8.48
N ASN A 125 27.55 -8.43 -9.25
CA ASN A 125 27.46 -8.85 -10.64
C ASN A 125 28.74 -8.53 -11.42
N GLU A 126 29.55 -7.60 -10.90
CA GLU A 126 30.78 -7.20 -11.58
C GLU A 126 32.08 -7.45 -10.84
N GLY A 127 32.00 -7.96 -9.62
CA GLY A 127 33.20 -8.25 -8.85
C GLY A 127 34.00 -7.02 -8.44
N LYS A 128 33.32 -5.89 -8.38
CA LYS A 128 33.97 -4.65 -8.01
C LYS A 128 33.27 -4.00 -6.84
N VAL A 129 34.05 -3.52 -5.89
CA VAL A 129 33.51 -2.83 -4.74
C VAL A 129 34.07 -1.42 -4.86
N TYR A 130 33.16 -0.45 -4.84
CA TYR A 130 33.54 0.96 -4.96
C TYR A 130 33.67 1.56 -3.59
N VAL A 131 34.85 2.06 -3.29
CA VAL A 131 35.07 2.63 -1.98
C VAL A 131 35.33 4.12 -1.91
N ASN A 132 34.29 4.91 -1.73
CA ASN A 132 34.57 6.30 -1.58
C ASN A 132 34.50 6.47 -0.09
N ALA A 133 35.60 6.18 0.59
CA ALA A 133 35.59 6.32 2.02
C ALA A 133 36.94 6.57 2.64
N ASP A 134 36.90 7.26 3.76
CA ASP A 134 38.06 7.61 4.54
C ASP A 134 38.21 6.45 5.51
N LEU A 135 38.76 5.36 5.02
CA LEU A 135 38.94 4.17 5.81
C LEU A 135 40.40 4.01 6.20
N SER A 136 40.66 3.88 7.51
CA SER A 136 42.02 3.68 8.00
C SER A 136 42.40 2.21 7.79
N SER A 137 41.62 1.32 8.41
CA SER A 137 41.83 -0.12 8.29
C SER A 137 40.62 -0.60 7.46
N VAL A 138 40.61 -1.87 7.06
CA VAL A 138 39.48 -2.40 6.29
C VAL A 138 38.56 -3.15 7.26
N GLY A 139 39.14 -3.88 8.21
CA GLY A 139 38.35 -4.62 9.18
C GLY A 139 39.17 -4.87 10.43
N GLY A 140 39.13 -6.09 10.96
CA GLY A 140 39.90 -6.41 12.14
C GLY A 140 39.25 -6.00 13.45
N CYS A 141 38.07 -6.53 13.71
CA CYS A 141 37.33 -6.22 14.92
C CYS A 141 36.82 -7.50 15.59
N GLY A 142 37.32 -8.64 15.11
CA GLY A 142 36.88 -9.90 15.69
C GLY A 142 35.55 -10.30 15.07
N ASP A 143 34.97 -11.39 15.55
CA ASP A 143 33.71 -11.87 14.99
C ASP A 143 32.49 -11.31 15.66
N ILE A 144 31.34 -11.67 15.10
CA ILE A 144 30.05 -11.25 15.59
C ILE A 144 29.87 -11.73 17.02
N GLY A 145 29.50 -10.82 17.90
CA GLY A 145 29.30 -11.21 19.29
C GLY A 145 28.06 -12.06 19.45
N GLU A 146 27.81 -12.48 20.68
CA GLU A 146 26.64 -13.28 20.96
C GLU A 146 25.56 -12.26 21.20
N PHE A 147 24.32 -12.68 21.04
CA PHE A 147 23.21 -11.81 21.27
C PHE A 147 22.20 -12.62 22.03
N LYS A 148 21.97 -12.24 23.29
CA LYS A 148 21.02 -12.92 24.16
C LYS A 148 19.84 -12.02 24.52
N VAL A 149 18.66 -12.62 24.54
CA VAL A 149 17.44 -11.89 24.85
C VAL A 149 16.71 -12.52 26.02
N SER A 150 15.58 -11.93 26.37
CA SER A 150 14.76 -12.39 27.48
C SER A 150 13.38 -11.75 27.31
N PHE A 151 12.36 -12.58 27.15
CA PHE A 151 10.99 -12.10 26.95
C PHE A 151 10.57 -11.01 27.91
N TYR A 152 9.94 -9.97 27.36
CA TYR A 152 9.49 -8.81 28.13
C TYR A 152 7.98 -8.76 28.22
N ASP A 153 7.31 -8.75 27.08
CA ASP A 153 5.86 -8.75 27.08
C ASP A 153 5.34 -9.05 25.70
N GLU A 154 4.02 -9.08 25.60
CA GLU A 154 3.36 -9.36 24.34
C GLU A 154 2.15 -8.47 24.29
N SER A 155 1.84 -7.96 23.10
CA SER A 155 0.68 -7.10 22.98
C SER A 155 -0.39 -7.79 22.19
N LEU A 156 -1.31 -8.37 22.93
CA LEU A 156 -2.46 -9.08 22.41
C LEU A 156 -2.22 -10.57 22.20
N ASN A 157 -2.57 -11.31 23.23
CA ASN A 157 -2.46 -12.76 23.26
C ASN A 157 -3.54 -13.33 22.34
N LYS A 158 -3.53 -14.65 22.18
CA LYS A 158 -4.48 -15.31 21.29
C LYS A 158 -5.94 -14.90 21.34
N ASN A 159 -6.55 -14.87 22.52
CA ASN A 159 -7.97 -14.52 22.57
C ASN A 159 -8.24 -13.02 22.43
N SER A 160 -7.31 -12.20 22.90
CA SER A 160 -7.47 -10.76 22.77
C SER A 160 -7.41 -10.42 21.28
N TYR A 161 -6.38 -10.91 20.59
CA TYR A 161 -6.21 -10.66 19.17
C TYR A 161 -7.39 -11.27 18.41
N GLU A 162 -7.77 -12.46 18.83
CA GLU A 162 -8.86 -13.17 18.19
C GLU A 162 -10.16 -12.39 18.27
N ARG A 163 -10.36 -11.67 19.37
CA ARG A 163 -11.59 -10.92 19.48
C ARG A 163 -11.62 -9.65 18.64
N ILE A 164 -10.50 -8.94 18.52
CA ILE A 164 -10.49 -7.73 17.70
C ILE A 164 -10.67 -8.16 16.25
N VAL A 165 -10.22 -9.36 15.93
CA VAL A 165 -10.39 -9.87 14.57
C VAL A 165 -11.90 -10.06 14.37
N SER A 166 -12.56 -10.50 15.43
CA SER A 166 -13.99 -10.70 15.37
C SER A 166 -14.70 -9.37 15.25
N GLU A 167 -14.20 -8.37 15.97
CA GLU A 167 -14.78 -7.03 15.93
C GLU A 167 -14.62 -6.48 14.51
N SER A 168 -13.38 -6.50 14.05
CA SER A 168 -13.04 -6.00 12.73
C SER A 168 -13.92 -6.65 11.67
N LEU A 169 -14.36 -7.87 11.93
CA LEU A 169 -15.19 -8.56 10.96
C LEU A 169 -16.58 -7.94 10.78
N GLU A 170 -17.09 -7.29 11.83
CA GLU A 170 -18.40 -6.65 11.72
C GLU A 170 -18.29 -5.52 10.71
N TYR A 171 -17.26 -4.69 10.88
CA TYR A 171 -17.02 -3.58 9.98
C TYR A 171 -17.00 -4.08 8.54
N ILE A 172 -16.36 -5.23 8.33
CA ILE A 172 -16.28 -5.78 7.00
C ILE A 172 -17.65 -6.19 6.49
N ARG A 173 -18.44 -6.83 7.36
CA ARG A 173 -19.78 -7.29 7.01
C ARG A 173 -20.68 -6.10 6.70
N SER A 174 -20.55 -5.06 7.52
CA SER A 174 -21.33 -3.84 7.38
C SER A 174 -20.96 -3.10 6.11
N GLY A 175 -19.72 -3.28 5.66
CA GLY A 175 -19.28 -2.62 4.45
C GLY A 175 -18.39 -1.41 4.68
N TYR A 176 -17.62 -1.44 5.77
CA TYR A 176 -16.72 -0.34 6.12
C TYR A 176 -15.25 -0.61 5.79
N ILE A 177 -14.98 -1.83 5.32
CA ILE A 177 -13.65 -2.25 4.89
C ILE A 177 -13.79 -3.55 4.13
N PHE A 178 -12.80 -3.81 3.29
CA PHE A 178 -12.77 -5.04 2.51
C PHE A 178 -11.78 -5.91 3.25
N GLN A 179 -10.69 -5.28 3.68
CA GLN A 179 -9.67 -5.99 4.39
C GLN A 179 -8.94 -5.02 5.28
N VAL A 180 -8.54 -5.50 6.45
CA VAL A 180 -7.79 -4.69 7.41
C VAL A 180 -6.74 -5.59 8.02
N VAL A 181 -5.55 -5.06 8.21
CA VAL A 181 -4.45 -5.82 8.77
C VAL A 181 -4.27 -5.56 10.26
N LEU A 182 -4.52 -6.59 11.06
CA LEU A 182 -4.37 -6.48 12.51
C LEU A 182 -3.07 -7.20 12.91
N SER A 183 -2.26 -6.52 13.70
CA SER A 183 -0.97 -7.06 14.10
C SER A 183 -0.74 -7.14 15.60
N ARG A 184 0.21 -7.97 16.00
CA ARG A 184 0.56 -8.14 17.40
C ARG A 184 2.08 -8.26 17.50
N PHE A 185 2.62 -8.13 18.70
CA PHE A 185 4.06 -8.19 18.88
C PHE A 185 4.56 -8.76 20.22
N TYR A 186 5.84 -9.12 20.23
CA TYR A 186 6.50 -9.63 21.42
C TYR A 186 7.67 -8.72 21.60
N ARG A 187 7.97 -8.39 22.85
CA ARG A 187 9.12 -7.55 23.10
C ARG A 187 10.01 -8.31 24.04
N TYR A 188 11.31 -8.10 23.91
CA TYR A 188 12.32 -8.78 24.71
C TYR A 188 13.36 -7.77 25.14
N ILE A 189 14.01 -8.01 26.28
CA ILE A 189 15.08 -7.12 26.68
C ILE A 189 16.30 -7.87 26.14
N PHE A 190 17.42 -7.19 25.93
CA PHE A 190 18.55 -7.88 25.34
C PHE A 190 19.91 -7.42 25.76
N SER A 191 20.89 -8.19 25.32
CA SER A 191 22.28 -7.93 25.58
C SER A 191 23.02 -8.60 24.43
N GLY A 192 24.14 -8.03 24.00
CA GLY A 192 24.90 -8.64 22.92
C GLY A 192 25.05 -7.88 21.62
N ASP A 193 25.47 -8.59 20.58
CA ASP A 193 25.68 -8.01 19.25
C ASP A 193 24.44 -8.15 18.38
N PRO A 194 23.77 -7.02 18.09
CA PRO A 194 22.55 -7.06 17.25
C PRO A 194 22.86 -7.54 15.84
N LEU A 195 24.13 -7.48 15.45
CA LEU A 195 24.57 -7.94 14.13
C LEU A 195 24.17 -9.40 13.96
N ARG A 196 24.16 -10.10 15.09
CA ARG A 196 23.80 -11.51 15.13
C ARG A 196 22.41 -11.69 14.51
N ILE A 197 21.50 -10.77 14.82
CA ILE A 197 20.14 -10.86 14.29
C ILE A 197 20.17 -10.85 12.76
N TYR A 198 20.91 -9.91 12.20
CA TYR A 198 21.01 -9.79 10.74
C TYR A 198 21.64 -11.05 10.14
N TYR A 199 22.68 -11.54 10.80
CA TYR A 199 23.37 -12.74 10.33
C TYR A 199 22.35 -13.87 10.18
N ASN A 200 21.46 -14.00 11.15
CA ASN A 200 20.44 -15.04 11.14
C ASN A 200 19.42 -14.78 10.04
N LEU A 201 19.04 -13.52 9.88
CA LEU A 201 18.07 -13.14 8.87
C LEU A 201 18.60 -13.38 7.47
N ARG A 202 19.82 -12.97 7.22
CA ARG A 202 20.43 -13.16 5.92
C ARG A 202 20.41 -14.66 5.62
N ARG A 203 20.66 -15.46 6.65
CA ARG A 203 20.71 -16.92 6.53
C ARG A 203 19.38 -17.60 6.25
N ILE A 204 18.38 -17.34 7.08
CA ILE A 204 17.07 -17.97 6.94
C ILE A 204 16.12 -17.33 5.94
N ASN A 205 16.02 -16.02 6.00
CA ASN A 205 15.12 -15.30 5.13
C ASN A 205 15.86 -14.31 4.28
N PRO A 206 16.67 -14.78 3.34
CA PRO A 206 17.36 -13.77 2.54
C PRO A 206 16.30 -13.14 1.64
N SER A 207 16.54 -11.92 1.22
CA SER A 207 15.61 -11.23 0.36
C SER A 207 16.37 -10.09 -0.31
N PRO A 208 15.78 -9.47 -1.33
CA PRO A 208 16.43 -8.36 -2.03
C PRO A 208 16.37 -7.09 -1.19
N TYR A 209 15.60 -7.14 -0.11
CA TYR A 209 15.46 -5.98 0.75
C TYR A 209 15.96 -6.18 2.17
N MET A 210 17.25 -6.46 2.29
CA MET A 210 17.89 -6.64 3.59
C MET A 210 18.40 -5.29 4.05
N PHE A 211 18.26 -5.03 5.34
CA PHE A 211 18.74 -3.77 5.87
C PHE A 211 19.07 -3.86 7.34
N TYR A 212 20.03 -3.03 7.72
CA TYR A 212 20.45 -2.93 9.09
C TYR A 212 20.75 -1.46 9.28
N LEU A 213 19.84 -0.77 9.95
CA LEU A 213 20.00 0.64 10.20
C LEU A 213 20.25 0.88 11.68
N LYS A 214 21.36 1.53 11.99
CA LYS A 214 21.72 1.84 13.36
C LYS A 214 21.69 3.34 13.61
N PHE A 215 20.68 3.83 14.32
CA PHE A 215 20.58 5.26 14.61
C PHE A 215 20.87 5.46 16.10
N ASP A 216 22.13 5.22 16.45
CA ASP A 216 22.64 5.33 17.81
C ASP A 216 22.02 4.31 18.75
N GLU A 217 20.93 4.71 19.40
CA GLU A 217 20.23 3.88 20.38
C GLU A 217 19.11 3.07 19.74
N LYS A 218 18.83 3.32 18.46
CA LYS A 218 17.76 2.61 17.79
C LYS A 218 18.26 1.80 16.60
N TYR A 219 17.58 0.69 16.33
CA TYR A 219 17.94 -0.17 15.21
C TYR A 219 16.71 -0.68 14.47
N LEU A 220 16.91 -0.93 13.20
CA LEU A 220 15.88 -1.49 12.33
C LEU A 220 16.70 -2.54 11.59
N ILE A 221 16.44 -3.81 11.93
CA ILE A 221 17.17 -4.90 11.33
C ILE A 221 16.13 -5.82 10.77
N GLY A 222 16.06 -5.91 9.45
CA GLY A 222 15.05 -6.78 8.88
C GLY A 222 15.37 -7.23 7.47
N SER A 223 14.49 -8.06 6.94
CA SER A 223 14.63 -8.54 5.60
C SER A 223 13.24 -8.31 5.04
N SER A 224 13.03 -7.15 4.44
CA SER A 224 11.72 -6.84 3.91
C SER A 224 11.29 -7.74 2.78
N PRO A 225 10.07 -8.26 2.89
CA PRO A 225 9.49 -9.15 1.89
C PRO A 225 8.88 -8.37 0.72
N GLU A 226 8.56 -7.10 0.94
CA GLU A 226 7.92 -6.32 -0.10
C GLU A 226 8.42 -4.90 -0.28
N LEU A 227 8.37 -4.46 -1.53
CA LEU A 227 8.80 -3.11 -1.87
C LEU A 227 7.59 -2.17 -1.90
N LEU A 228 7.72 -1.03 -1.22
CA LEU A 228 6.64 -0.05 -1.20
C LEU A 228 6.62 0.56 -2.59
N PHE A 229 7.72 1.18 -2.97
CA PHE A 229 7.84 1.77 -4.30
C PHE A 229 9.28 2.05 -4.73
N ARG A 230 9.45 2.25 -6.03
CA ARG A 230 10.74 2.58 -6.59
C ARG A 230 10.52 3.68 -7.61
N VAL A 231 11.43 4.63 -7.67
CA VAL A 231 11.36 5.69 -8.65
C VAL A 231 12.69 5.68 -9.36
N GLN A 232 12.67 5.54 -10.68
CA GLN A 232 13.90 5.51 -11.45
C GLN A 232 13.70 6.31 -12.72
N ASP A 233 14.44 7.42 -12.81
CA ASP A 233 14.36 8.31 -13.96
C ASP A 233 12.91 8.69 -14.25
N ASN A 234 12.24 9.13 -13.18
CA ASN A 234 10.85 9.58 -13.19
C ASN A 234 9.76 8.57 -13.47
N ILE A 235 10.08 7.29 -13.39
CA ILE A 235 9.05 6.30 -13.57
C ILE A 235 8.88 5.60 -12.24
N VAL A 236 7.65 5.49 -11.81
CA VAL A 236 7.36 4.88 -10.54
C VAL A 236 6.90 3.47 -10.77
N GLU A 237 7.34 2.57 -9.90
CA GLU A 237 6.92 1.18 -9.98
C GLU A 237 6.76 0.57 -8.61
N THR A 238 5.76 -0.30 -8.52
CA THR A 238 5.48 -1.01 -7.29
C THR A 238 4.94 -2.38 -7.70
N TYR A 239 5.11 -3.35 -6.82
CA TYR A 239 4.66 -4.68 -7.14
C TYR A 239 3.76 -5.27 -6.09
N PRO A 240 2.45 -5.17 -6.30
CA PRO A 240 1.52 -5.73 -5.33
C PRO A 240 1.73 -7.25 -5.26
N ILE A 241 1.70 -7.77 -4.05
CA ILE A 241 1.89 -9.20 -3.82
C ILE A 241 0.73 -9.74 -3.00
N ALA A 242 0.24 -10.92 -3.37
CA ALA A 242 -0.87 -11.56 -2.67
C ALA A 242 -0.91 -13.05 -2.95
N GLY A 243 -1.17 -13.84 -1.92
CA GLY A 243 -1.22 -15.29 -2.09
C GLY A 243 0.13 -15.95 -1.94
N THR A 244 0.20 -16.97 -1.08
CA THR A 244 1.47 -17.64 -0.90
C THR A 244 1.32 -19.13 -1.02
N ARG A 245 2.37 -19.73 -1.56
CA ARG A 245 2.42 -21.16 -1.75
C ARG A 245 3.89 -21.48 -1.62
N PRO A 246 4.21 -22.62 -1.01
CA PRO A 246 5.62 -23.03 -0.86
C PRO A 246 6.14 -23.43 -2.22
N ARG A 247 7.47 -23.42 -2.39
CA ARG A 247 8.05 -23.81 -3.66
C ARG A 247 7.69 -25.26 -4.02
N GLY A 248 8.39 -25.83 -5.01
CA GLY A 248 8.07 -27.18 -5.39
C GLY A 248 9.11 -28.23 -5.15
N ALA A 249 8.67 -29.42 -4.74
CA ALA A 249 9.58 -30.53 -4.49
C ALA A 249 10.34 -30.78 -5.80
N ASP A 250 9.58 -30.87 -6.90
CA ASP A 250 10.14 -31.09 -8.23
C ASP A 250 9.58 -30.05 -9.21
N GLN A 251 10.09 -30.05 -10.44
CA GLN A 251 9.63 -29.11 -11.46
C GLN A 251 8.11 -29.36 -11.60
N GLU A 252 7.65 -30.44 -10.98
CA GLU A 252 6.25 -30.86 -11.00
C GLU A 252 5.43 -30.39 -9.80
N GLU A 253 5.81 -30.82 -8.56
CA GLU A 253 5.05 -30.41 -7.38
C GLU A 253 5.00 -28.88 -7.30
N ASP A 254 5.99 -28.25 -7.92
CA ASP A 254 6.11 -26.80 -7.97
C ASP A 254 4.94 -26.21 -8.74
N LEU A 255 4.76 -26.69 -9.97
CA LEU A 255 3.69 -26.23 -10.83
C LEU A 255 2.31 -26.49 -10.20
N LYS A 256 2.19 -27.58 -9.45
CA LYS A 256 0.91 -27.89 -8.83
C LYS A 256 0.56 -26.88 -7.76
N LEU A 257 1.60 -26.25 -7.22
CA LEU A 257 1.44 -25.23 -6.18
C LEU A 257 1.15 -23.90 -6.84
N GLU A 258 2.01 -23.57 -7.80
CA GLU A 258 1.89 -22.33 -8.54
C GLU A 258 0.49 -22.27 -9.14
N LEU A 259 -0.04 -23.42 -9.54
CA LEU A 259 -1.36 -23.43 -10.14
C LEU A 259 -2.45 -23.37 -9.10
N GLU A 260 -2.09 -23.59 -7.84
CA GLU A 260 -3.07 -23.52 -6.78
C GLU A 260 -3.36 -22.05 -6.61
N LEU A 261 -2.31 -21.27 -6.74
CA LEU A 261 -2.40 -19.81 -6.65
C LEU A 261 -3.22 -19.35 -7.84
N MET A 262 -2.82 -19.78 -9.03
CA MET A 262 -3.51 -19.41 -10.26
C MET A 262 -5.02 -19.68 -10.20
N ASN A 263 -5.41 -20.69 -9.45
CA ASN A 263 -6.83 -21.04 -9.38
C ASN A 263 -7.54 -20.60 -8.11
N SER A 264 -6.80 -19.93 -7.23
CA SER A 264 -7.35 -19.46 -5.97
C SER A 264 -8.25 -18.24 -6.19
N GLU A 265 -9.55 -18.47 -6.17
CA GLU A 265 -10.51 -17.40 -6.35
C GLU A 265 -10.27 -16.37 -5.24
N LYS A 266 -9.97 -16.87 -4.06
CA LYS A 266 -9.73 -16.01 -2.90
C LYS A 266 -8.45 -15.19 -3.03
N ASP A 267 -7.33 -15.87 -3.25
CA ASP A 267 -6.05 -15.18 -3.36
C ASP A 267 -5.98 -14.19 -4.51
N LYS A 268 -6.73 -14.45 -5.58
CA LYS A 268 -6.72 -13.55 -6.71
C LYS A 268 -7.52 -12.28 -6.39
N ALA A 269 -8.66 -12.46 -5.72
CA ALA A 269 -9.52 -11.34 -5.34
C ALA A 269 -8.73 -10.35 -4.49
N GLU A 270 -8.02 -10.87 -3.51
CA GLU A 270 -7.22 -10.01 -2.63
C GLU A 270 -6.14 -9.31 -3.45
N HIS A 271 -5.59 -10.01 -4.44
CA HIS A 271 -4.53 -9.45 -5.27
C HIS A 271 -5.06 -8.33 -6.15
N LEU A 272 -6.21 -8.57 -6.76
CA LEU A 272 -6.84 -7.59 -7.63
C LEU A 272 -7.06 -6.29 -6.90
N MET A 273 -7.58 -6.40 -5.68
CA MET A 273 -7.83 -5.23 -4.87
C MET A 273 -6.53 -4.46 -4.61
N LEU A 274 -5.45 -5.19 -4.32
CA LEU A 274 -4.16 -4.57 -4.04
C LEU A 274 -3.61 -3.84 -5.26
N VAL A 275 -3.85 -4.42 -6.44
CA VAL A 275 -3.41 -3.83 -7.69
C VAL A 275 -4.18 -2.53 -7.91
N ASP A 276 -5.51 -2.59 -7.75
CA ASP A 276 -6.35 -1.41 -7.93
C ASP A 276 -5.94 -0.33 -6.93
N LEU A 277 -5.65 -0.74 -5.70
CA LEU A 277 -5.22 0.18 -4.67
C LEU A 277 -3.88 0.79 -5.07
N ALA A 278 -3.00 -0.03 -5.65
CA ALA A 278 -1.69 0.43 -6.10
C ALA A 278 -1.80 1.40 -7.28
N ARG A 279 -2.68 1.10 -8.23
CA ARG A 279 -2.88 1.96 -9.38
C ARG A 279 -3.49 3.29 -8.89
N ASN A 280 -4.26 3.21 -7.81
CA ASN A 280 -4.88 4.41 -7.25
C ASN A 280 -3.84 5.35 -6.64
N ASP A 281 -2.98 4.80 -5.79
CA ASP A 281 -1.96 5.61 -5.13
C ASP A 281 -1.00 6.22 -6.15
N LEU A 282 -0.67 5.47 -7.20
CA LEU A 282 0.22 6.01 -8.22
C LEU A 282 -0.58 7.12 -8.92
N GLY A 283 -1.89 6.89 -9.02
CA GLY A 283 -2.78 7.83 -9.66
C GLY A 283 -2.79 9.22 -9.05
N LYS A 284 -2.32 9.33 -7.82
CA LYS A 284 -2.30 10.62 -7.17
C LYS A 284 -1.16 11.51 -7.66
N VAL A 285 -0.08 10.90 -8.10
CA VAL A 285 1.06 11.70 -8.53
C VAL A 285 1.54 11.45 -9.97
N CYS A 286 0.92 10.50 -10.64
CA CYS A 286 1.32 10.19 -12.00
C CYS A 286 0.49 10.88 -13.10
N VAL A 287 1.12 10.98 -14.26
CA VAL A 287 0.53 11.61 -15.43
C VAL A 287 -0.63 10.74 -15.92
N PRO A 288 -1.83 11.34 -16.00
CA PRO A 288 -3.01 10.59 -16.45
C PRO A 288 -2.77 9.82 -17.73
N GLY A 289 -3.06 8.52 -17.67
CA GLY A 289 -2.86 7.69 -18.84
C GLY A 289 -1.53 6.96 -18.79
N THR A 290 -0.71 7.21 -17.77
CA THR A 290 0.57 6.53 -17.67
C THR A 290 0.57 5.39 -16.65
N VAL A 291 -0.40 5.38 -15.75
CA VAL A 291 -0.45 4.31 -14.75
C VAL A 291 -0.90 3.03 -15.43
N LYS A 292 0.00 2.07 -15.54
CA LYS A 292 -0.34 0.83 -16.20
C LYS A 292 0.11 -0.39 -15.40
N VAL A 293 -0.44 -1.54 -15.77
CA VAL A 293 -0.10 -2.81 -15.14
C VAL A 293 0.47 -3.71 -16.23
N PRO A 294 1.73 -3.49 -16.63
CA PRO A 294 2.41 -4.27 -17.66
C PRO A 294 2.30 -5.77 -17.45
N GLU A 295 2.55 -6.20 -16.22
CA GLU A 295 2.46 -7.59 -15.89
C GLU A 295 1.42 -7.79 -14.81
N LEU A 296 0.30 -8.36 -15.19
CA LEU A 296 -0.81 -8.56 -14.26
C LEU A 296 -1.03 -9.99 -13.79
N MET A 297 -0.98 -10.17 -12.47
CA MET A 297 -1.20 -11.47 -11.84
C MET A 297 -0.33 -12.61 -12.34
N TYR A 298 0.98 -12.50 -12.12
CA TYR A 298 1.89 -13.54 -12.54
C TYR A 298 2.51 -14.16 -11.29
N VAL A 299 2.71 -15.48 -11.27
CA VAL A 299 3.28 -16.10 -10.09
C VAL A 299 4.77 -15.90 -10.05
N GLU A 300 5.26 -15.38 -8.92
CA GLU A 300 6.67 -15.14 -8.72
C GLU A 300 7.17 -16.24 -7.81
N LYS A 301 8.26 -16.86 -8.23
CA LYS A 301 8.85 -17.95 -7.47
C LYS A 301 10.05 -17.47 -6.65
N TYR A 302 10.01 -17.75 -5.35
CA TYR A 302 11.09 -17.36 -4.45
C TYR A 302 11.82 -18.59 -3.93
N SER A 303 12.93 -18.36 -3.24
CA SER A 303 13.73 -19.44 -2.71
C SER A 303 13.02 -20.28 -1.65
N HIS A 304 11.81 -19.92 -1.30
CA HIS A 304 11.11 -20.68 -0.27
C HIS A 304 9.61 -20.74 -0.51
N VAL A 305 9.08 -19.64 -1.02
CA VAL A 305 7.66 -19.54 -1.28
C VAL A 305 7.45 -18.99 -2.66
N GLN A 306 6.18 -18.78 -2.98
CA GLN A 306 5.80 -18.17 -4.24
C GLN A 306 4.47 -17.47 -4.03
N HIS A 307 4.35 -16.33 -4.71
CA HIS A 307 3.16 -15.50 -4.61
C HIS A 307 2.68 -15.04 -5.96
N ILE A 308 1.47 -14.48 -5.97
CA ILE A 308 0.89 -13.91 -7.16
C ILE A 308 1.45 -12.49 -7.15
N VAL A 309 1.96 -12.02 -8.28
CA VAL A 309 2.56 -10.70 -8.36
C VAL A 309 2.12 -9.90 -9.58
N SER A 310 2.11 -8.58 -9.43
CA SER A 310 1.74 -7.71 -10.52
C SER A 310 2.76 -6.58 -10.56
N LYS A 311 2.96 -6.01 -11.74
CA LYS A 311 3.88 -4.89 -11.90
C LYS A 311 3.04 -3.67 -12.26
N VAL A 312 3.01 -2.68 -11.37
CA VAL A 312 2.25 -1.47 -11.62
C VAL A 312 3.22 -0.31 -11.77
N ILE A 313 3.08 0.43 -12.85
CA ILE A 313 3.97 1.57 -13.09
C ILE A 313 3.22 2.81 -13.54
N GLY A 314 3.92 3.95 -13.50
CA GLY A 314 3.33 5.19 -13.92
C GLY A 314 4.42 6.23 -14.11
N THR A 315 4.07 7.33 -14.75
CA THR A 315 5.04 8.40 -14.98
C THR A 315 4.75 9.54 -14.02
N LEU A 316 5.72 9.84 -13.18
CA LEU A 316 5.54 10.88 -12.20
C LEU A 316 5.41 12.25 -12.82
N LYS A 317 4.49 13.06 -12.28
CA LYS A 317 4.27 14.41 -12.77
C LYS A 317 5.57 15.18 -12.52
N LYS A 318 5.82 16.22 -13.31
CA LYS A 318 7.05 17.00 -13.16
C LYS A 318 7.03 17.75 -11.84
N LYS A 319 5.83 18.15 -11.43
CA LYS A 319 5.66 18.89 -10.20
C LYS A 319 5.90 18.02 -8.98
N TYR A 320 6.22 16.75 -9.20
CA TYR A 320 6.42 15.86 -8.08
C TYR A 320 7.83 15.37 -7.80
N ASN A 321 7.93 14.83 -6.58
CA ASN A 321 9.11 14.32 -5.90
C ASN A 321 8.99 12.85 -5.62
N ALA A 322 10.04 12.29 -5.04
CA ALA A 322 10.01 10.89 -4.61
C ALA A 322 9.24 10.96 -3.30
N LEU A 323 9.38 12.10 -2.60
CA LEU A 323 8.70 12.33 -1.35
C LEU A 323 7.18 12.31 -1.54
N ASN A 324 6.74 12.72 -2.73
CA ASN A 324 5.32 12.75 -3.04
C ASN A 324 4.84 11.34 -3.30
N VAL A 325 5.74 10.53 -3.84
CA VAL A 325 5.43 9.13 -4.12
C VAL A 325 5.29 8.43 -2.78
N LEU A 326 6.20 8.76 -1.86
CA LEU A 326 6.16 8.18 -0.54
C LEU A 326 4.80 8.42 0.09
N SER A 327 4.47 9.69 0.32
CA SER A 327 3.19 10.03 0.94
C SER A 327 2.00 9.49 0.17
N ALA A 328 2.14 9.35 -1.15
CA ALA A 328 1.03 8.85 -1.95
C ALA A 328 0.82 7.35 -1.79
N THR A 329 1.90 6.63 -1.52
CA THR A 329 1.84 5.17 -1.38
C THR A 329 1.80 4.66 0.04
N PHE A 330 2.22 5.51 0.97
CA PHE A 330 2.32 5.16 2.39
C PHE A 330 1.02 5.30 3.19
N PRO A 331 0.67 4.27 4.00
CA PRO A 331 1.44 3.03 4.15
C PRO A 331 0.93 2.01 3.15
N ALA A 332 1.73 0.99 2.87
CA ALA A 332 1.34 -0.03 1.90
C ALA A 332 -0.05 -0.61 2.17
N GLY A 333 -0.78 -0.89 1.11
CA GLY A 333 -2.10 -1.47 1.29
C GLY A 333 -2.02 -2.78 2.04
N THR A 334 -0.98 -3.59 1.80
CA THR A 334 -0.87 -4.88 2.50
C THR A 334 -0.66 -4.78 4.00
N VAL A 335 -0.26 -3.62 4.50
CA VAL A 335 -0.05 -3.46 5.94
C VAL A 335 -1.11 -2.58 6.59
N SER A 336 -2.10 -2.16 5.81
CA SER A 336 -3.15 -1.32 6.37
C SER A 336 -4.51 -1.92 6.02
N GLY A 337 -4.94 -1.76 4.77
CA GLY A 337 -6.22 -2.31 4.40
C GLY A 337 -6.90 -1.51 3.32
N ALA A 338 -8.19 -1.76 3.10
CA ALA A 338 -8.93 -1.03 2.10
C ALA A 338 -10.41 -1.00 2.40
N PRO A 339 -11.05 0.18 2.30
CA PRO A 339 -10.49 1.49 1.94
C PRO A 339 -9.45 1.90 2.98
N LYS A 340 -8.28 2.32 2.51
CA LYS A 340 -7.20 2.67 3.43
C LYS A 340 -7.47 3.66 4.57
N PRO A 341 -8.17 4.78 4.31
CA PRO A 341 -8.40 5.70 5.44
C PRO A 341 -9.19 5.02 6.57
N MET A 342 -10.30 4.38 6.22
CA MET A 342 -11.11 3.70 7.20
C MET A 342 -10.29 2.67 7.93
N ALA A 343 -9.66 1.79 7.15
CA ALA A 343 -8.84 0.72 7.67
C ALA A 343 -7.82 1.18 8.69
N MET A 344 -7.16 2.31 8.43
CA MET A 344 -6.16 2.81 9.37
C MET A 344 -6.83 3.31 10.65
N ASN A 345 -8.04 3.82 10.53
CA ASN A 345 -8.73 4.31 11.70
C ASN A 345 -9.26 3.17 12.51
N ILE A 346 -9.68 2.12 11.82
CA ILE A 346 -10.18 0.94 12.51
C ILE A 346 -8.99 0.31 13.23
N ILE A 347 -7.81 0.35 12.60
CA ILE A 347 -6.62 -0.21 13.21
C ILE A 347 -6.30 0.51 14.51
N GLU A 348 -6.34 1.84 14.49
CA GLU A 348 -6.03 2.64 15.68
C GLU A 348 -7.04 2.34 16.78
N THR A 349 -8.21 1.91 16.35
CA THR A 349 -9.28 1.59 17.26
C THR A 349 -9.05 0.22 17.91
N LEU A 350 -8.75 -0.79 17.11
CA LEU A 350 -8.53 -2.15 17.59
C LEU A 350 -7.16 -2.45 18.21
N GLU A 351 -6.07 -2.00 17.61
CA GLU A 351 -4.78 -2.32 18.21
C GLU A 351 -4.59 -1.59 19.54
N GLU A 352 -3.61 -2.05 20.32
CA GLU A 352 -3.34 -1.48 21.63
C GLU A 352 -2.31 -0.36 21.63
N TYR A 353 -1.37 -0.41 20.68
CA TYR A 353 -0.33 0.62 20.59
C TYR A 353 -0.14 1.15 19.18
N LYS A 354 0.41 2.36 19.10
CA LYS A 354 0.70 2.96 17.81
C LYS A 354 1.85 2.10 17.30
N ARG A 355 1.82 1.80 15.99
CA ARG A 355 2.82 0.93 15.37
C ARG A 355 4.27 1.38 15.32
N GLY A 356 4.53 2.69 15.33
CA GLY A 356 5.90 3.14 15.26
C GLY A 356 6.50 2.72 13.92
N PRO A 357 7.80 2.36 13.87
CA PRO A 357 8.41 1.97 12.59
C PRO A 357 7.74 0.78 11.90
N TYR A 358 7.08 -0.08 12.69
CA TYR A 358 6.42 -1.25 12.13
C TYR A 358 5.39 -0.89 11.07
N ALA A 359 5.43 -1.62 9.97
CA ALA A 359 4.50 -1.40 8.87
C ALA A 359 4.78 -0.05 8.21
N GLY A 360 5.89 0.59 8.62
CA GLY A 360 6.28 1.86 8.03
C GLY A 360 7.08 1.50 6.77
N ALA A 361 8.20 2.16 6.57
CA ALA A 361 9.03 1.86 5.40
C ALA A 361 10.44 2.31 5.63
N VAL A 362 11.35 1.71 4.88
CA VAL A 362 12.74 2.05 5.04
C VAL A 362 13.37 2.04 3.65
N GLY A 363 14.28 2.97 3.40
CA GLY A 363 14.89 3.03 2.09
C GLY A 363 15.75 4.25 1.90
N PHE A 364 15.89 4.68 0.66
CA PHE A 364 16.74 5.83 0.39
C PHE A 364 16.22 6.76 -0.70
N ILE A 365 16.75 7.98 -0.69
CA ILE A 365 16.44 8.97 -1.69
C ILE A 365 17.80 9.24 -2.30
N SER A 366 17.96 8.88 -3.56
CA SER A 366 19.24 9.08 -4.21
C SER A 366 19.44 10.55 -4.50
N ALA A 367 20.70 10.98 -4.56
CA ALA A 367 21.01 12.38 -4.84
C ALA A 367 20.57 12.72 -6.28
N ASP A 368 20.23 11.70 -7.07
CA ASP A 368 19.79 11.93 -8.44
C ASP A 368 18.27 11.88 -8.59
N GLY A 369 17.56 11.94 -7.46
CA GLY A 369 16.11 11.91 -7.48
C GLY A 369 15.47 10.54 -7.49
N ASN A 370 16.27 9.52 -7.78
CA ASN A 370 15.75 8.16 -7.79
C ASN A 370 15.55 7.72 -6.34
N ALA A 371 14.64 6.79 -6.12
CA ALA A 371 14.39 6.34 -4.77
C ALA A 371 13.84 4.92 -4.70
N GLU A 372 14.01 4.32 -3.53
CA GLU A 372 13.51 2.98 -3.30
C GLU A 372 13.19 2.77 -1.83
N PHE A 373 11.96 2.33 -1.57
CA PHE A 373 11.50 2.09 -0.22
C PHE A 373 10.78 0.75 -0.06
N ALA A 374 11.27 -0.04 0.88
CA ALA A 374 10.69 -1.35 1.18
C ALA A 374 9.80 -1.22 2.41
N ILE A 375 8.80 -2.10 2.50
CA ILE A 375 7.88 -2.09 3.64
C ILE A 375 8.62 -2.56 4.89
N ALA A 376 8.48 -1.83 5.98
CA ALA A 376 9.17 -2.19 7.21
C ALA A 376 8.45 -3.27 8.07
N ILE A 377 8.48 -4.51 7.57
CA ILE A 377 7.90 -5.66 8.23
C ILE A 377 8.93 -6.80 8.16
N ARG A 378 8.68 -7.88 8.91
CA ARG A 378 9.63 -9.00 9.00
C ARG A 378 10.92 -8.34 9.42
N THR A 379 10.79 -7.45 10.41
CA THR A 379 11.88 -6.67 10.92
C THR A 379 11.88 -6.61 12.44
N ALA A 380 13.07 -6.47 13.02
CA ALA A 380 13.24 -6.38 14.47
C ALA A 380 13.57 -4.93 14.80
N PHE A 381 12.73 -4.31 15.63
CA PHE A 381 12.96 -2.93 15.99
C PHE A 381 13.53 -2.82 17.40
N LEU A 382 14.77 -2.36 17.50
CA LEU A 382 15.39 -2.19 18.81
C LEU A 382 15.39 -0.72 19.18
N ASN A 383 14.83 -0.41 20.36
CA ASN A 383 14.78 0.97 20.83
C ASN A 383 15.21 1.01 22.30
N LYS A 384 16.48 1.30 22.51
CA LYS A 384 17.06 1.38 23.83
C LYS A 384 17.11 0.01 24.53
N GLU A 385 16.28 -0.20 25.55
CA GLU A 385 16.33 -1.46 26.26
C GLU A 385 15.39 -2.50 25.73
N LEU A 386 14.51 -2.11 24.83
CA LEU A 386 13.55 -3.06 24.29
C LEU A 386 13.77 -3.40 22.82
N LEU A 387 13.41 -4.62 22.47
CA LEU A 387 13.51 -5.11 21.10
C LEU A 387 12.11 -5.62 20.79
N ARG A 388 11.55 -5.21 19.66
CA ARG A 388 10.21 -5.67 19.34
C ARG A 388 10.10 -6.40 18.01
N ILE A 389 9.42 -7.54 18.02
CA ILE A 389 9.20 -8.31 16.81
C ILE A 389 7.69 -8.20 16.62
N HIS A 390 7.32 -7.71 15.44
CA HIS A 390 5.95 -7.39 15.10
C HIS A 390 5.45 -8.05 13.82
N ALA A 391 4.20 -8.49 13.82
CA ALA A 391 3.61 -9.13 12.64
C ALA A 391 2.11 -8.96 12.62
N GLY A 392 1.50 -9.13 11.45
CA GLY A 392 0.06 -8.98 11.34
C GLY A 392 -0.53 -9.88 10.27
N ALA A 393 -1.85 -9.89 10.19
CA ALA A 393 -2.53 -10.70 9.20
C ALA A 393 -3.68 -9.90 8.63
N GLY A 394 -3.90 -10.03 7.33
CA GLY A 394 -4.97 -9.29 6.70
C GLY A 394 -6.32 -9.96 6.85
N ILE A 395 -7.23 -9.31 7.58
CA ILE A 395 -8.56 -9.87 7.81
C ILE A 395 -9.48 -9.56 6.64
N VAL A 396 -10.35 -10.52 6.33
CA VAL A 396 -11.31 -10.36 5.26
C VAL A 396 -12.66 -10.83 5.75
N TYR A 397 -13.68 -10.71 4.90
CA TYR A 397 -15.01 -11.07 5.33
C TYR A 397 -15.21 -12.46 5.87
N ASP A 398 -14.49 -13.44 5.34
CA ASP A 398 -14.63 -14.81 5.82
C ASP A 398 -13.39 -15.31 6.54
N SER A 399 -12.68 -14.39 7.18
CA SER A 399 -11.46 -14.73 7.91
C SER A 399 -11.77 -15.46 9.20
N ASN A 400 -10.94 -16.43 9.56
CA ASN A 400 -11.14 -17.18 10.79
C ASN A 400 -10.21 -16.56 11.84
N PRO A 401 -10.80 -16.02 12.92
CA PRO A 401 -10.05 -15.37 14.01
C PRO A 401 -8.86 -16.18 14.49
N GLU A 402 -9.04 -17.49 14.55
CA GLU A 402 -7.97 -18.35 15.03
C GLU A 402 -6.89 -18.54 13.98
N SER A 403 -7.29 -18.78 12.73
CA SER A 403 -6.35 -18.96 11.64
C SER A 403 -5.50 -17.72 11.51
N GLU A 404 -6.15 -16.57 11.59
CA GLU A 404 -5.45 -15.31 11.49
C GLU A 404 -4.46 -15.17 12.64
N TYR A 405 -4.85 -15.58 13.85
CA TYR A 405 -3.94 -15.48 14.99
C TYR A 405 -2.66 -16.21 14.67
N PHE A 406 -2.83 -17.39 14.12
CA PHE A 406 -1.69 -18.23 13.80
C PHE A 406 -0.84 -17.71 12.67
N GLU A 407 -1.43 -16.95 11.75
CA GLU A 407 -0.64 -16.42 10.67
C GLU A 407 0.39 -15.46 11.31
N THR A 408 -0.03 -14.74 12.34
CA THR A 408 0.87 -13.81 13.01
C THR A 408 1.90 -14.59 13.83
N GLU A 409 1.47 -15.71 14.40
CA GLU A 409 2.36 -16.54 15.19
C GLU A 409 3.43 -17.10 14.29
N HIS A 410 3.00 -17.58 13.14
CA HIS A 410 3.90 -18.14 12.15
C HIS A 410 4.89 -17.08 11.70
N LYS A 411 4.38 -15.88 11.44
CA LYS A 411 5.24 -14.77 11.02
C LYS A 411 6.25 -14.42 12.11
N LEU A 412 5.78 -14.39 13.35
CA LEU A 412 6.65 -14.07 14.46
C LEU A 412 7.66 -15.17 14.77
N LYS A 413 7.30 -16.42 14.49
CA LYS A 413 8.21 -17.53 14.75
C LYS A 413 9.54 -17.25 14.06
N ALA A 414 9.45 -16.77 12.83
CA ALA A 414 10.63 -16.45 12.04
C ALA A 414 11.51 -15.40 12.70
N LEU A 415 10.88 -14.35 13.22
CA LEU A 415 11.63 -13.29 13.87
C LEU A 415 12.17 -13.79 15.21
N LYS A 416 11.40 -14.67 15.84
CA LYS A 416 11.81 -15.24 17.12
C LYS A 416 13.11 -15.99 16.84
N THR A 417 13.14 -16.69 15.73
CA THR A 417 14.31 -17.44 15.36
C THR A 417 15.46 -16.50 15.08
N ALA A 418 15.24 -15.54 14.20
CA ALA A 418 16.28 -14.58 13.85
C ALA A 418 16.91 -13.91 15.08
N ILE A 419 16.14 -13.73 16.15
CA ILE A 419 16.68 -13.10 17.34
C ILE A 419 17.28 -14.08 18.32
N GLY A 420 17.23 -15.36 17.99
CA GLY A 420 17.82 -16.38 18.86
C GLY A 420 16.94 -17.04 19.92
N VAL A 421 15.64 -16.76 19.89
CA VAL A 421 14.73 -17.36 20.85
C VAL A 421 14.60 -18.87 20.53
N ARG A 422 14.96 -19.23 19.31
CA ARG A 422 14.87 -20.63 18.87
C ARG A 422 15.66 -20.85 17.58
N MET B 1 -12.97 25.64 -19.44
CA MET B 1 -12.57 24.31 -20.00
C MET B 1 -13.43 23.19 -19.39
N ASP B 2 -13.21 21.96 -19.85
CA ASP B 2 -13.98 20.82 -19.35
C ASP B 2 -13.56 20.45 -17.94
N LEU B 3 -14.55 20.32 -17.06
CA LEU B 3 -14.28 20.04 -15.66
C LEU B 3 -15.19 18.96 -15.04
N THR B 4 -14.57 17.94 -14.46
CA THR B 4 -15.30 16.87 -13.81
C THR B 4 -15.00 16.94 -12.33
N LEU B 5 -16.04 17.08 -11.53
CA LEU B 5 -15.86 17.11 -10.09
C LEU B 5 -16.10 15.69 -9.59
N ILE B 6 -15.14 15.18 -8.83
CA ILE B 6 -15.26 13.83 -8.28
C ILE B 6 -15.33 13.95 -6.77
N ILE B 7 -16.48 13.59 -6.20
CA ILE B 7 -16.66 13.64 -4.77
C ILE B 7 -16.06 12.38 -4.19
N ASP B 8 -15.00 12.57 -3.40
CA ASP B 8 -14.27 11.48 -2.76
C ASP B 8 -14.85 11.07 -1.42
N ASN B 9 -15.47 9.88 -1.39
CA ASN B 9 -16.02 9.38 -0.14
C ASN B 9 -14.95 8.59 0.60
N TYR B 10 -13.84 9.27 0.90
CA TYR B 10 -12.69 8.68 1.60
C TYR B 10 -12.33 7.33 1.01
N ASP B 11 -12.19 7.32 -0.31
CA ASP B 11 -11.91 6.12 -1.07
C ASP B 11 -10.48 5.89 -1.50
N SER B 12 -10.20 4.62 -1.79
CA SER B 12 -8.88 4.15 -2.25
C SER B 12 -8.90 3.76 -3.74
N PHE B 13 -9.97 4.15 -4.45
CA PHE B 13 -10.12 3.85 -5.88
C PHE B 13 -10.41 5.13 -6.66
N VAL B 14 -10.76 6.18 -5.92
CA VAL B 14 -11.13 7.46 -6.50
C VAL B 14 -10.14 8.02 -7.51
N TYR B 15 -8.84 7.83 -7.28
CA TYR B 15 -7.86 8.36 -8.23
C TYR B 15 -7.76 7.54 -9.51
N ASN B 16 -8.36 6.36 -9.51
CA ASN B 16 -8.36 5.52 -10.69
C ASN B 16 -9.38 6.20 -11.61
N ILE B 17 -10.37 6.84 -10.99
CA ILE B 17 -11.39 7.55 -11.74
C ILE B 17 -10.80 8.87 -12.28
N ALA B 18 -10.05 9.57 -11.44
CA ALA B 18 -9.46 10.83 -11.84
C ALA B 18 -8.53 10.65 -13.03
N GLN B 19 -7.68 9.63 -12.98
CA GLN B 19 -6.73 9.37 -14.06
C GLN B 19 -7.41 9.11 -15.40
N ILE B 20 -8.48 8.33 -15.38
CA ILE B 20 -9.23 8.04 -16.59
C ILE B 20 -9.87 9.34 -17.11
N VAL B 21 -10.42 10.12 -16.18
CA VAL B 21 -11.06 11.38 -16.52
C VAL B 21 -10.06 12.33 -17.15
N GLY B 22 -8.91 12.48 -16.52
CA GLY B 22 -7.89 13.36 -17.04
C GLY B 22 -7.46 12.91 -18.43
N GLU B 23 -7.22 11.61 -18.56
CA GLU B 23 -6.82 11.03 -19.83
C GLU B 23 -7.90 11.21 -20.89
N LEU B 24 -9.16 11.23 -20.46
CA LEU B 24 -10.29 11.41 -21.38
C LEU B 24 -10.42 12.89 -21.78
N GLY B 25 -9.44 13.70 -21.38
CA GLY B 25 -9.48 15.10 -21.75
C GLY B 25 -10.21 16.05 -20.81
N SER B 26 -10.83 15.54 -19.76
CA SER B 26 -11.52 16.44 -18.83
C SER B 26 -10.64 16.72 -17.61
N TYR B 27 -10.76 17.93 -17.06
CA TYR B 27 -9.97 18.26 -15.88
C TYR B 27 -10.72 17.76 -14.65
N PRO B 28 -10.09 16.85 -13.90
CA PRO B 28 -10.76 16.31 -12.72
C PRO B 28 -10.40 17.03 -11.43
N ILE B 29 -11.41 17.29 -10.61
CA ILE B 29 -11.21 17.91 -9.32
C ILE B 29 -11.75 16.93 -8.29
N VAL B 30 -10.86 16.45 -7.43
CA VAL B 30 -11.21 15.49 -6.39
C VAL B 30 -11.34 16.18 -5.04
N ILE B 31 -12.51 16.07 -4.44
CA ILE B 31 -12.75 16.68 -3.13
C ILE B 31 -13.69 15.75 -2.34
N ARG B 32 -13.43 15.62 -1.04
CA ARG B 32 -14.23 14.72 -0.20
C ARG B 32 -15.62 15.18 0.20
N ASN B 33 -16.49 14.20 0.36
CA ASN B 33 -17.89 14.42 0.70
C ASN B 33 -18.18 15.44 1.80
N ASP B 34 -17.17 15.79 2.60
CA ASP B 34 -17.40 16.75 3.66
C ASP B 34 -16.43 17.93 3.63
N GLU B 35 -15.87 18.23 2.46
CA GLU B 35 -14.93 19.35 2.36
C GLU B 35 -15.45 20.50 1.54
N ILE B 36 -16.61 20.31 0.92
CA ILE B 36 -17.20 21.36 0.11
C ILE B 36 -18.72 21.37 0.28
N SER B 37 -19.30 22.56 0.18
CA SER B 37 -20.74 22.74 0.33
C SER B 37 -21.42 22.56 -1.01
N ILE B 38 -22.71 22.28 -1.01
CA ILE B 38 -23.43 22.09 -2.25
C ILE B 38 -23.46 23.42 -3.02
N LYS B 39 -23.45 24.52 -2.29
CA LYS B 39 -23.45 25.81 -2.94
C LYS B 39 -22.07 26.00 -3.54
N GLY B 40 -21.03 25.62 -2.79
CA GLY B 40 -19.68 25.74 -3.28
C GLY B 40 -19.46 24.92 -4.55
N ILE B 41 -20.12 23.77 -4.63
CA ILE B 41 -20.00 22.90 -5.79
C ILE B 41 -20.62 23.68 -6.94
N GLU B 42 -21.79 24.23 -6.68
CA GLU B 42 -22.51 25.01 -7.66
C GLU B 42 -21.60 26.11 -8.22
N ARG B 43 -20.87 26.77 -7.33
CA ARG B 43 -19.98 27.87 -7.71
C ARG B 43 -18.81 27.42 -8.60
N ILE B 44 -18.41 26.17 -8.47
CA ILE B 44 -17.31 25.66 -9.30
C ILE B 44 -17.88 25.38 -10.69
N ASP B 45 -19.17 25.03 -10.71
CA ASP B 45 -19.92 24.69 -11.91
C ASP B 45 -19.29 23.65 -12.79
N PRO B 46 -19.11 22.44 -12.24
CA PRO B 46 -18.50 21.37 -13.05
C PRO B 46 -19.43 21.01 -14.20
N ASP B 47 -18.84 20.44 -15.24
CA ASP B 47 -19.61 20.05 -16.40
C ASP B 47 -20.34 18.75 -16.07
N ARG B 48 -19.70 17.93 -15.25
CA ARG B 48 -20.33 16.70 -14.81
C ARG B 48 -19.82 16.35 -13.44
N LEU B 49 -20.38 15.29 -12.90
CA LEU B 49 -20.03 14.93 -11.56
C LEU B 49 -20.00 13.44 -11.30
N ILE B 50 -18.95 12.98 -10.61
CA ILE B 50 -18.85 11.57 -10.28
C ILE B 50 -18.76 11.43 -8.78
N ILE B 51 -19.60 10.56 -8.23
CA ILE B 51 -19.59 10.30 -6.80
C ILE B 51 -18.87 8.96 -6.62
N SER B 52 -17.67 9.05 -6.08
CA SER B 52 -16.79 7.89 -5.88
C SER B 52 -17.27 6.81 -4.94
N PRO B 53 -16.66 5.61 -5.04
CA PRO B 53 -17.06 4.53 -4.15
C PRO B 53 -16.67 4.95 -2.73
N GLY B 54 -16.97 4.09 -1.75
CA GLY B 54 -16.62 4.42 -0.40
C GLY B 54 -17.19 3.46 0.62
N PRO B 55 -16.64 3.48 1.84
CA PRO B 55 -17.10 2.62 2.93
C PRO B 55 -18.42 3.14 3.49
N GLY B 56 -19.25 2.22 3.94
CA GLY B 56 -20.50 2.62 4.51
C GLY B 56 -21.71 2.51 3.61
N THR B 57 -22.79 3.14 4.08
CA THR B 57 -24.09 3.15 3.44
C THR B 57 -24.57 4.58 3.25
N PRO B 58 -25.42 4.82 2.22
CA PRO B 58 -25.92 6.18 2.01
C PRO B 58 -26.95 6.50 3.09
N GLU B 59 -27.44 5.46 3.74
CA GLU B 59 -28.43 5.59 4.81
C GLU B 59 -27.87 6.43 5.96
N LYS B 60 -26.54 6.48 6.07
CA LYS B 60 -25.88 7.26 7.12
C LYS B 60 -25.20 8.45 6.46
N ARG B 61 -25.57 9.67 6.84
CA ARG B 61 -25.00 10.86 6.21
C ARG B 61 -23.49 11.03 6.33
N GLU B 62 -22.92 10.65 7.47
CA GLU B 62 -21.47 10.79 7.61
C GLU B 62 -20.73 9.93 6.60
N ASP B 63 -21.41 8.92 6.07
CA ASP B 63 -20.84 8.02 5.07
C ASP B 63 -20.78 8.67 3.68
N ILE B 64 -21.83 9.40 3.31
CA ILE B 64 -21.88 10.03 2.01
C ILE B 64 -21.69 11.55 1.98
N GLY B 65 -21.82 12.20 3.14
CA GLY B 65 -21.65 13.65 3.20
C GLY B 65 -22.60 14.41 2.27
N VAL B 66 -22.07 15.36 1.53
CA VAL B 66 -22.85 16.18 0.60
C VAL B 66 -23.37 15.39 -0.61
N SER B 67 -22.94 14.14 -0.73
CA SER B 67 -23.33 13.32 -1.86
C SER B 67 -24.83 13.19 -2.19
N LEU B 68 -25.69 13.13 -1.19
CA LEU B 68 -27.11 12.98 -1.47
C LEU B 68 -27.85 14.24 -1.94
N ASP B 69 -27.38 15.40 -1.49
CA ASP B 69 -28.00 16.65 -1.91
C ASP B 69 -27.54 16.95 -3.32
N VAL B 70 -26.30 16.58 -3.62
CA VAL B 70 -25.74 16.79 -4.95
C VAL B 70 -26.62 16.04 -5.94
N ILE B 71 -26.93 14.78 -5.64
CA ILE B 71 -27.78 13.98 -6.51
C ILE B 71 -29.14 14.65 -6.64
N LYS B 72 -29.73 14.97 -5.49
CA LYS B 72 -31.04 15.59 -5.43
C LYS B 72 -31.16 16.95 -6.11
N TYR B 73 -30.27 17.87 -5.78
CA TYR B 73 -30.34 19.19 -6.34
C TYR B 73 -29.65 19.45 -7.67
N LEU B 74 -28.44 18.95 -7.82
CA LEU B 74 -27.71 19.18 -9.06
C LEU B 74 -27.99 18.15 -10.16
N GLY B 75 -28.45 16.97 -9.76
CA GLY B 75 -28.73 15.90 -10.71
C GLY B 75 -29.60 16.21 -11.91
N LYS B 76 -30.50 17.16 -11.77
CA LYS B 76 -31.38 17.49 -12.87
C LYS B 76 -30.66 18.17 -14.03
N ARG B 77 -29.82 19.15 -13.73
CA ARG B 77 -29.14 19.88 -14.80
C ARG B 77 -27.66 19.59 -15.02
N THR B 78 -27.09 18.72 -14.19
CA THR B 78 -25.69 18.35 -14.34
C THR B 78 -25.62 16.83 -14.25
N PRO B 79 -24.99 16.18 -15.25
CA PRO B 79 -24.89 14.71 -15.22
C PRO B 79 -24.11 14.19 -14.03
N ILE B 80 -24.60 13.09 -13.47
CA ILE B 80 -23.97 12.47 -12.33
C ILE B 80 -23.76 10.98 -12.58
N LEU B 81 -22.59 10.50 -12.19
CA LEU B 81 -22.28 9.09 -12.30
C LEU B 81 -21.89 8.65 -10.90
N GLY B 82 -22.65 7.71 -10.33
CA GLY B 82 -22.35 7.21 -9.00
C GLY B 82 -21.76 5.82 -9.12
N VAL B 83 -20.68 5.56 -8.38
CA VAL B 83 -20.00 4.24 -8.40
C VAL B 83 -19.94 3.64 -6.99
N CYS B 84 -20.41 2.40 -6.82
CA CYS B 84 -20.44 1.68 -5.51
C CYS B 84 -21.30 2.51 -4.55
N LEU B 85 -20.67 3.11 -3.54
CA LEU B 85 -21.41 3.96 -2.60
C LEU B 85 -22.24 5.00 -3.37
N GLY B 86 -21.64 5.59 -4.40
CA GLY B 86 -22.32 6.60 -5.21
C GLY B 86 -23.53 6.07 -5.95
N HIS B 87 -23.44 4.82 -6.38
CA HIS B 87 -24.52 4.16 -7.11
C HIS B 87 -25.64 3.91 -6.12
N GLN B 88 -25.27 3.55 -4.90
CA GLN B 88 -26.23 3.27 -3.84
C GLN B 88 -26.89 4.57 -3.39
N ALA B 89 -26.09 5.62 -3.24
CA ALA B 89 -26.62 6.91 -2.84
C ALA B 89 -27.64 7.37 -3.88
N ILE B 90 -27.30 7.21 -5.16
CA ILE B 90 -28.19 7.60 -6.24
C ILE B 90 -29.50 6.82 -6.12
N GLY B 91 -29.41 5.57 -5.71
CA GLY B 91 -30.60 4.75 -5.57
C GLY B 91 -31.37 5.15 -4.33
N TYR B 92 -30.65 5.30 -3.23
CA TYR B 92 -31.25 5.70 -1.97
C TYR B 92 -31.96 7.03 -2.19
N ALA B 93 -31.27 7.95 -2.85
CA ALA B 93 -31.83 9.28 -3.11
C ALA B 93 -33.20 9.24 -3.74
N PHE B 94 -33.49 8.20 -4.51
CA PHE B 94 -34.79 8.09 -5.18
C PHE B 94 -35.71 6.99 -4.66
N GLY B 95 -35.68 6.77 -3.35
CA GLY B 95 -36.55 5.79 -2.73
C GLY B 95 -36.23 4.32 -2.85
N ALA B 96 -35.03 3.97 -3.31
CA ALA B 96 -34.69 2.57 -3.42
C ALA B 96 -34.26 2.12 -2.03
N LYS B 97 -34.21 0.81 -1.81
CA LYS B 97 -33.81 0.28 -0.53
C LYS B 97 -32.36 -0.20 -0.57
N ILE B 98 -31.67 -0.07 0.56
CA ILE B 98 -30.28 -0.50 0.66
C ILE B 98 -30.25 -1.75 1.54
N ARG B 99 -29.64 -2.82 1.05
CA ARG B 99 -29.56 -4.04 1.84
C ARG B 99 -28.25 -4.77 1.57
N ARG B 100 -27.97 -5.78 2.40
CA ARG B 100 -26.76 -6.56 2.20
C ARG B 100 -27.01 -7.41 0.95
N ALA B 101 -25.94 -7.77 0.25
CA ALA B 101 -26.05 -8.57 -0.95
C ALA B 101 -26.12 -10.03 -0.53
N ARG B 102 -26.72 -10.87 -1.38
CA ARG B 102 -26.80 -12.27 -1.04
C ARG B 102 -25.37 -12.82 -1.03
N LYS B 103 -24.58 -12.42 -2.01
CA LYS B 103 -23.19 -12.85 -2.10
C LYS B 103 -22.23 -11.66 -1.99
N VAL B 104 -21.10 -11.85 -1.32
CA VAL B 104 -20.11 -10.78 -1.13
C VAL B 104 -18.95 -10.77 -2.14
N PHE B 105 -19.00 -9.79 -3.04
CA PHE B 105 -17.95 -9.64 -4.04
C PHE B 105 -16.98 -8.58 -3.62
N HIS B 106 -15.83 -9.01 -3.14
CA HIS B 106 -14.82 -8.06 -2.71
C HIS B 106 -13.61 -8.31 -3.58
N GLY B 107 -13.53 -7.61 -4.70
CA GLY B 107 -12.41 -7.79 -5.60
C GLY B 107 -12.68 -8.94 -6.54
N LYS B 108 -13.92 -9.41 -6.56
CA LYS B 108 -14.33 -10.50 -7.43
C LYS B 108 -14.94 -9.94 -8.72
N ILE B 109 -14.67 -10.61 -9.83
CA ILE B 109 -15.18 -10.21 -11.13
C ILE B 109 -16.53 -10.84 -11.43
N SER B 110 -17.52 -10.02 -11.75
CA SER B 110 -18.86 -10.51 -12.04
C SER B 110 -19.23 -10.27 -13.50
N ASN B 111 -20.22 -10.99 -13.98
CA ASN B 111 -20.69 -10.84 -15.35
C ASN B 111 -21.90 -9.96 -15.31
N ILE B 112 -21.72 -8.72 -15.75
CA ILE B 112 -22.82 -7.77 -15.76
C ILE B 112 -23.67 -8.05 -16.99
N ILE B 113 -24.97 -8.07 -16.79
CA ILE B 113 -25.87 -8.30 -17.90
C ILE B 113 -26.74 -7.07 -18.05
N LEU B 114 -26.52 -6.35 -19.15
CA LEU B 114 -27.29 -5.18 -19.43
C LEU B 114 -28.70 -5.67 -19.68
N VAL B 115 -29.66 -5.03 -19.04
CA VAL B 115 -31.05 -5.42 -19.19
C VAL B 115 -31.87 -4.18 -19.53
N ASN B 116 -31.23 -3.23 -20.22
CA ASN B 116 -31.92 -2.01 -20.60
C ASN B 116 -32.86 -2.30 -21.77
N ASN B 117 -34.11 -1.89 -21.61
CA ASN B 117 -35.14 -2.09 -22.62
C ASN B 117 -34.89 -1.13 -23.76
N SER B 118 -34.57 0.10 -23.40
CA SER B 118 -34.28 1.14 -24.39
C SER B 118 -32.81 1.53 -24.22
N PRO B 119 -32.12 1.79 -25.34
CA PRO B 119 -30.70 2.17 -25.40
C PRO B 119 -30.28 3.32 -24.50
N LEU B 120 -29.08 3.21 -23.95
CA LEU B 120 -28.53 4.23 -23.06
C LEU B 120 -27.22 4.79 -23.61
N SER B 121 -27.00 6.09 -23.41
CA SER B 121 -25.78 6.73 -23.87
C SER B 121 -24.59 6.13 -23.14
N LEU B 122 -24.72 6.01 -21.83
CA LEU B 122 -23.68 5.47 -20.99
C LEU B 122 -23.20 4.10 -21.44
N TYR B 123 -24.07 3.31 -22.06
CA TYR B 123 -23.69 1.96 -22.49
C TYR B 123 -23.54 1.79 -24.00
N TYR B 124 -23.25 2.91 -24.67
CA TYR B 124 -23.05 2.90 -26.10
C TYR B 124 -21.85 2.05 -26.48
N GLY B 125 -22.04 1.12 -27.41
CA GLY B 125 -20.95 0.26 -27.83
C GLY B 125 -20.52 -0.75 -26.79
N ILE B 126 -21.30 -0.91 -25.72
CA ILE B 126 -20.97 -1.87 -24.67
C ILE B 126 -21.66 -3.22 -24.91
N ALA B 127 -20.89 -4.30 -24.81
CA ALA B 127 -21.41 -5.66 -25.00
C ALA B 127 -22.60 -5.94 -24.09
N LYS B 128 -23.59 -6.69 -24.59
CA LYS B 128 -24.80 -7.01 -23.82
C LYS B 128 -24.49 -7.53 -22.41
N GLU B 129 -23.35 -8.17 -22.26
CA GLU B 129 -22.89 -8.63 -20.96
C GLU B 129 -21.39 -8.60 -21.03
N PHE B 130 -20.78 -8.05 -20.00
CA PHE B 130 -19.34 -7.91 -19.92
C PHE B 130 -18.89 -8.28 -18.51
N LYS B 131 -17.59 -8.22 -18.29
CA LYS B 131 -17.04 -8.54 -16.99
C LYS B 131 -16.62 -7.26 -16.28
N ALA B 132 -16.89 -7.21 -14.98
CA ALA B 132 -16.53 -6.03 -14.19
C ALA B 132 -16.24 -6.42 -12.75
N THR B 133 -15.32 -5.70 -12.12
CA THR B 133 -14.93 -5.96 -10.74
C THR B 133 -16.00 -5.45 -9.79
N ARG B 134 -16.15 -6.13 -8.66
CA ARG B 134 -17.12 -5.72 -7.65
C ARG B 134 -16.40 -5.62 -6.33
N TYR B 135 -16.76 -4.61 -5.55
CA TYR B 135 -16.15 -4.41 -4.24
C TYR B 135 -17.27 -3.93 -3.33
N HIS B 136 -18.21 -4.81 -3.00
CA HIS B 136 -19.31 -4.37 -2.16
C HIS B 136 -20.04 -5.47 -1.42
N SER B 137 -20.46 -5.16 -0.19
CA SER B 137 -21.20 -6.10 0.64
C SER B 137 -22.68 -5.74 0.52
N LEU B 138 -22.96 -4.50 0.17
CA LEU B 138 -24.36 -4.08 0.06
C LEU B 138 -24.78 -3.79 -1.36
N VAL B 139 -26.09 -3.87 -1.57
CA VAL B 139 -26.67 -3.60 -2.88
C VAL B 139 -27.92 -2.76 -2.73
N VAL B 140 -28.46 -2.38 -3.88
CA VAL B 140 -29.66 -1.58 -3.95
C VAL B 140 -30.80 -2.52 -4.31
N ASP B 141 -31.99 -2.26 -3.77
CA ASP B 141 -33.16 -3.10 -4.08
C ASP B 141 -34.46 -2.33 -3.97
N GLU B 142 -35.51 -2.90 -4.55
CA GLU B 142 -36.82 -2.27 -4.55
C GLU B 142 -36.68 -0.95 -5.28
N VAL B 143 -36.09 -1.05 -6.47
CA VAL B 143 -35.87 0.09 -7.33
C VAL B 143 -37.14 0.29 -8.14
N HIS B 144 -37.80 1.41 -7.87
CA HIS B 144 -39.03 1.77 -8.57
C HIS B 144 -38.76 3.14 -9.18
N ARG B 145 -39.73 3.69 -9.89
CA ARG B 145 -39.55 5.00 -10.53
C ARG B 145 -39.31 6.10 -9.52
N PRO B 146 -38.64 7.19 -9.94
CA PRO B 146 -38.13 7.45 -11.29
C PRO B 146 -36.90 6.65 -11.71
N LEU B 147 -36.45 5.73 -10.86
CA LEU B 147 -35.26 4.94 -11.18
C LEU B 147 -35.58 3.73 -12.06
N ILE B 148 -34.61 3.34 -12.87
CA ILE B 148 -34.75 2.19 -13.77
C ILE B 148 -33.51 1.31 -13.67
N VAL B 149 -33.72 -0.01 -13.54
CA VAL B 149 -32.61 -0.96 -13.45
C VAL B 149 -32.04 -1.16 -14.86
N ASP B 150 -30.73 -1.06 -14.99
CA ASP B 150 -30.07 -1.20 -16.29
C ASP B 150 -29.26 -2.46 -16.45
N ALA B 151 -28.63 -2.89 -15.39
CA ALA B 151 -27.81 -4.09 -15.46
C ALA B 151 -28.12 -4.99 -14.28
N ILE B 152 -27.69 -6.23 -14.40
CA ILE B 152 -27.93 -7.20 -13.37
C ILE B 152 -26.74 -8.15 -13.25
N SER B 153 -26.60 -8.74 -12.07
CA SER B 153 -25.51 -9.68 -11.80
C SER B 153 -25.97 -11.06 -12.30
N ALA B 154 -25.12 -11.73 -13.06
CA ALA B 154 -25.44 -13.04 -13.62
C ALA B 154 -25.55 -14.14 -12.57
N GLU B 155 -24.49 -14.25 -11.79
CA GLU B 155 -24.36 -15.24 -10.74
C GLU B 155 -25.15 -14.90 -9.47
N ASP B 156 -24.99 -13.66 -9.02
CA ASP B 156 -25.61 -13.16 -7.81
C ASP B 156 -27.08 -12.78 -8.02
N ASN B 157 -27.31 -12.11 -9.15
CA ASN B 157 -28.60 -11.59 -9.54
C ASN B 157 -29.03 -10.38 -8.73
N GLU B 158 -28.12 -9.42 -8.61
CA GLU B 158 -28.38 -8.19 -7.87
C GLU B 158 -28.34 -7.05 -8.89
N ILE B 159 -28.96 -5.93 -8.55
CA ILE B 159 -28.97 -4.76 -9.44
C ILE B 159 -27.53 -4.27 -9.56
N MET B 160 -27.02 -4.23 -10.79
CA MET B 160 -25.65 -3.79 -11.04
C MET B 160 -25.57 -2.36 -11.57
N ALA B 161 -26.68 -1.85 -12.06
CA ALA B 161 -26.72 -0.50 -12.59
C ALA B 161 -28.14 0.05 -12.63
N ILE B 162 -28.25 1.37 -12.51
CA ILE B 162 -29.54 2.05 -12.54
C ILE B 162 -29.37 3.44 -13.17
N HIS B 163 -30.48 4.12 -13.39
CA HIS B 163 -30.46 5.47 -13.95
C HIS B 163 -31.84 6.10 -13.78
N HIS B 164 -31.90 7.42 -13.84
CA HIS B 164 -33.14 8.17 -13.69
C HIS B 164 -33.94 8.27 -14.99
N GLU B 165 -35.27 8.24 -14.88
CA GLU B 165 -36.15 8.33 -16.06
C GLU B 165 -35.83 9.52 -16.94
N GLU B 166 -35.53 10.67 -16.32
CA GLU B 166 -35.25 11.86 -17.11
C GLU B 166 -33.96 12.60 -16.78
N TYR B 167 -33.50 12.53 -15.53
CA TYR B 167 -32.27 13.22 -15.19
C TYR B 167 -31.07 12.44 -15.70
N PRO B 168 -29.94 13.13 -15.94
CA PRO B 168 -28.73 12.49 -16.44
C PRO B 168 -27.95 11.85 -15.30
N ILE B 169 -28.66 11.13 -14.45
CA ILE B 169 -28.08 10.45 -13.30
C ILE B 169 -27.92 8.94 -13.54
N TYR B 170 -26.70 8.44 -13.36
CA TYR B 170 -26.41 7.02 -13.56
C TYR B 170 -25.67 6.38 -12.40
N GLY B 171 -26.01 5.13 -12.13
CA GLY B 171 -25.36 4.41 -11.07
C GLY B 171 -24.87 3.06 -11.55
N VAL B 172 -23.64 2.72 -11.17
CA VAL B 172 -23.07 1.43 -11.52
C VAL B 172 -22.55 0.85 -10.22
N GLN B 173 -22.95 -0.37 -9.91
CA GLN B 173 -22.52 -1.03 -8.70
C GLN B 173 -21.10 -1.54 -8.87
N PHE B 174 -20.74 -1.85 -10.11
CA PHE B 174 -19.41 -2.35 -10.42
C PHE B 174 -18.42 -1.21 -10.60
N HIS B 175 -17.15 -1.57 -10.78
CA HIS B 175 -16.09 -0.60 -10.90
C HIS B 175 -15.44 -0.40 -12.29
N PRO B 176 -15.83 0.66 -13.01
CA PRO B 176 -15.26 0.94 -14.33
C PRO B 176 -13.79 1.31 -14.26
N GLU B 177 -13.34 1.82 -13.11
CA GLU B 177 -11.92 2.20 -12.93
C GLU B 177 -11.02 1.03 -12.61
N SER B 178 -11.61 -0.15 -12.44
CA SER B 178 -10.81 -1.32 -12.10
C SER B 178 -10.16 -1.98 -13.31
N VAL B 179 -8.97 -2.54 -13.09
CA VAL B 179 -8.24 -3.25 -14.14
C VAL B 179 -9.11 -4.43 -14.57
N GLY B 180 -9.96 -4.88 -13.65
CA GLY B 180 -10.84 -6.00 -13.92
C GLY B 180 -11.99 -5.70 -14.85
N THR B 181 -12.24 -4.42 -15.11
CA THR B 181 -13.34 -4.05 -15.99
C THR B 181 -12.77 -3.58 -17.31
N SER B 182 -12.76 -4.50 -18.27
CA SER B 182 -12.23 -4.25 -19.61
C SER B 182 -12.83 -3.01 -20.24
N LEU B 183 -14.15 -3.02 -20.34
CA LEU B 183 -14.89 -1.91 -20.96
C LEU B 183 -15.07 -0.71 -20.05
N GLY B 184 -14.47 -0.76 -18.86
CA GLY B 184 -14.61 0.34 -17.93
C GLY B 184 -14.29 1.71 -18.52
N TYR B 185 -13.16 1.77 -19.21
CA TYR B 185 -12.74 3.01 -19.83
C TYR B 185 -13.79 3.54 -20.77
N LYS B 186 -14.35 2.63 -21.57
CA LYS B 186 -15.38 2.99 -22.53
C LYS B 186 -16.61 3.56 -21.85
N ILE B 187 -17.06 2.90 -20.78
CA ILE B 187 -18.22 3.37 -20.04
C ILE B 187 -18.00 4.79 -19.55
N LEU B 188 -16.78 5.05 -19.07
CA LEU B 188 -16.45 6.37 -18.59
C LEU B 188 -16.35 7.33 -19.76
N TYR B 189 -15.81 6.84 -20.88
CA TYR B 189 -15.70 7.67 -22.06
C TYR B 189 -17.10 8.13 -22.44
N ASN B 190 -18.06 7.20 -22.35
CA ASN B 190 -19.45 7.48 -22.68
C ASN B 190 -20.02 8.55 -21.77
N PHE B 191 -19.85 8.38 -20.47
CA PHE B 191 -20.37 9.35 -19.52
C PHE B 191 -19.85 10.75 -19.83
N LEU B 192 -18.58 10.84 -20.18
CA LEU B 192 -17.96 12.13 -20.46
C LEU B 192 -18.41 12.76 -21.76
N ASN B 193 -18.51 11.95 -22.81
CA ASN B 193 -18.87 12.46 -24.11
C ASN B 193 -20.28 12.27 -24.63
N ARG B 194 -21.04 11.34 -24.05
CA ARG B 194 -22.40 11.10 -24.55
C ARG B 194 -23.53 11.41 -23.58
N VAL B 195 -23.20 11.61 -22.30
CA VAL B 195 -24.21 11.91 -21.30
C VAL B 195 -24.31 13.42 -21.11
#